data_2LIG
#
_entry.id   2LIG
#
_cell.length_a   80.380
_cell.length_b   80.380
_cell.length_c   91.350
_cell.angle_alpha   90.00
_cell.angle_beta   90.00
_cell.angle_gamma   120.00
#
_symmetry.space_group_name_H-M   'P 32 2 1'
#
loop_
_entity.id
_entity.type
_entity.pdbx_description
1 polymer 'ASPARTATE RECEPTOR'
2 non-polymer 'SULFATE ION'
3 non-polymer 'ASPARTIC ACID'
4 non-polymer 1,10-PHENANTHROLINE
5 water water
#
_entity_poly.entity_id   1
_entity_poly.type   'polypeptide(L)'
_entity_poly.pdbx_seq_one_letter_code
;MGGLLFSSLQHCQQGFVISNELRQQQSELTSTWDLMLQTRINLSRSAARMMMDASNQQSSAKTDLLQNAKTTLAQAAAHY
ANFKNMTPLPAMAEASANVDEKYQRYQAALAELIQFLDNGNMDAYFAQPTQGMQNALGEALGNYARVSENLYRQTFDQSA
HDYR
;
_entity_poly.pdbx_strand_id   A,B
#
loop_
_chem_comp.id
_chem_comp.type
_chem_comp.name
_chem_comp.formula
PHN non-polymer 1,10-PHENANTHROLINE 'C12 H8 N2'
SO4 non-polymer 'SULFATE ION' 'O4 S -2'
#
# COMPACT_ATOMS: atom_id res chain seq x y z
N MET A 1 -13.81 38.17 -15.84
CA MET A 1 -13.00 36.97 -16.04
C MET A 1 -11.83 37.26 -15.14
N GLY A 2 -11.35 36.24 -14.41
CA GLY A 2 -10.25 36.13 -13.43
C GLY A 2 -10.10 34.67 -13.03
N GLY A 3 -10.16 33.80 -14.04
CA GLY A 3 -10.19 32.31 -13.91
C GLY A 3 -9.15 31.89 -14.93
N LEU A 4 -8.59 30.69 -14.69
CA LEU A 4 -7.36 30.36 -15.50
C LEU A 4 -7.21 28.97 -16.07
N LEU A 5 -7.63 27.91 -15.31
CA LEU A 5 -7.56 26.55 -15.85
C LEU A 5 -8.94 26.03 -16.33
N PHE A 6 -9.92 26.92 -16.07
CA PHE A 6 -11.30 26.52 -16.35
C PHE A 6 -11.95 27.64 -17.06
N SER A 7 -12.76 27.40 -18.11
CA SER A 7 -13.49 28.40 -18.69
C SER A 7 -14.74 29.04 -17.84
N SER A 8 -15.28 28.58 -16.74
CA SER A 8 -16.37 29.16 -16.02
C SER A 8 -16.48 28.54 -14.71
N LEU A 9 -17.25 29.03 -13.81
CA LEU A 9 -17.52 28.27 -12.58
C LEU A 9 -18.15 26.94 -12.86
N GLN A 10 -19.11 26.82 -13.83
CA GLN A 10 -19.77 25.54 -14.24
C GLN A 10 -18.77 24.48 -14.59
N HIS A 11 -17.89 24.78 -15.45
CA HIS A 11 -16.74 23.91 -15.83
C HIS A 11 -15.89 23.50 -14.73
N CYS A 12 -15.63 24.40 -13.76
CA CYS A 12 -14.72 24.20 -12.68
C CYS A 12 -15.36 23.22 -11.76
N GLN A 13 -16.64 23.46 -11.36
CA GLN A 13 -17.33 22.64 -10.44
C GLN A 13 -17.58 21.25 -10.99
N GLN A 14 -17.85 21.21 -12.32
CA GLN A 14 -17.92 19.97 -13.09
C GLN A 14 -16.67 19.08 -12.82
N GLY A 15 -15.49 19.70 -13.01
CA GLY A 15 -14.24 18.93 -12.84
C GLY A 15 -14.16 18.45 -11.36
N PHE A 16 -14.50 19.31 -10.41
CA PHE A 16 -14.54 18.91 -9.03
C PHE A 16 -15.40 17.65 -8.85
N VAL A 17 -16.63 17.63 -9.25
CA VAL A 17 -17.54 16.54 -9.07
C VAL A 17 -16.98 15.22 -9.64
N ILE A 18 -16.37 15.27 -10.83
CA ILE A 18 -15.79 14.15 -11.48
C ILE A 18 -14.54 13.68 -10.67
N SER A 19 -13.67 14.57 -10.22
CA SER A 19 -12.43 14.23 -9.51
C SER A 19 -12.68 13.78 -8.16
N ASN A 20 -13.70 14.33 -7.48
CA ASN A 20 -13.93 13.90 -6.06
C ASN A 20 -14.39 12.46 -6.05
N GLU A 21 -15.13 12.00 -7.03
CA GLU A 21 -15.51 10.61 -7.11
C GLU A 21 -14.29 9.66 -7.46
N LEU A 22 -13.50 10.10 -8.39
CA LEU A 22 -12.34 9.30 -8.75
C LEU A 22 -11.45 9.15 -7.49
N ARG A 23 -11.35 10.23 -6.80
CA ARG A 23 -10.60 10.24 -5.51
C ARG A 23 -11.21 9.28 -4.52
N GLN A 24 -12.49 9.17 -4.41
CA GLN A 24 -13.02 8.18 -3.44
C GLN A 24 -12.70 6.80 -3.82
N GLN A 25 -12.92 6.42 -5.07
CA GLN A 25 -12.71 5.04 -5.49
C GLN A 25 -11.25 4.63 -5.54
N GLN A 26 -10.36 5.54 -5.94
CA GLN A 26 -8.93 5.23 -5.86
C GLN A 26 -8.49 5.05 -4.43
N SER A 27 -9.03 5.82 -3.39
CA SER A 27 -8.72 5.64 -2.01
C SER A 27 -9.01 4.21 -1.50
N GLU A 28 -10.25 3.70 -1.86
CA GLU A 28 -10.54 2.33 -1.40
C GLU A 28 -9.62 1.24 -1.96
N LEU A 29 -9.21 1.39 -3.23
CA LEU A 29 -8.24 0.50 -3.80
C LEU A 29 -6.93 0.68 -3.27
N THR A 30 -6.38 1.86 -2.81
CA THR A 30 -5.12 1.93 -2.07
C THR A 30 -5.15 1.23 -0.74
N SER A 31 -6.14 1.36 0.01
CA SER A 31 -6.31 0.66 1.23
C SER A 31 -6.44 -0.86 1.13
N THR A 32 -7.21 -1.33 0.07
CA THR A 32 -7.28 -2.77 -0.24
C THR A 32 -5.90 -3.34 -0.41
N TRP A 33 -5.14 -2.73 -1.27
CA TRP A 33 -3.79 -3.19 -1.62
C TRP A 33 -2.89 -3.22 -0.40
N ASP A 34 -2.86 -2.11 0.33
CA ASP A 34 -2.11 -1.96 1.58
C ASP A 34 -2.48 -3.14 2.52
N LEU A 35 -3.70 -3.34 2.89
CA LEU A 35 -4.05 -4.44 3.85
C LEU A 35 -3.82 -5.79 3.20
N MET A 36 -3.83 -5.95 1.83
CA MET A 36 -3.57 -7.28 1.26
C MET A 36 -2.11 -7.58 1.40
N LEU A 37 -1.22 -6.56 1.21
CA LEU A 37 0.27 -6.78 1.38
C LEU A 37 0.53 -6.99 2.91
N GLN A 38 -0.09 -6.32 3.78
CA GLN A 38 -0.05 -6.50 5.23
C GLN A 38 -0.39 -7.89 5.54
N THR A 39 -1.36 -8.51 4.92
CA THR A 39 -1.73 -9.91 5.16
C THR A 39 -0.54 -10.81 4.67
N ARG A 40 0.11 -10.62 3.53
CA ARG A 40 1.14 -11.47 3.10
C ARG A 40 2.38 -11.40 4.06
N ILE A 41 2.65 -10.24 4.59
CA ILE A 41 3.74 -9.99 5.58
C ILE A 41 3.47 -10.81 6.85
N ASN A 42 2.24 -10.66 7.51
CA ASN A 42 1.86 -11.41 8.69
C ASN A 42 1.89 -12.85 8.43
N LEU A 43 1.56 -13.30 7.19
CA LEU A 43 1.60 -14.74 6.93
C LEU A 43 3.07 -15.22 6.93
N SER A 44 3.93 -14.32 6.46
CA SER A 44 5.37 -14.75 6.34
C SER A 44 5.86 -14.78 7.81
N ARG A 45 5.47 -13.82 8.58
CA ARG A 45 5.87 -13.72 9.98
C ARG A 45 5.43 -14.90 10.77
N SER A 46 4.25 -15.40 10.55
CA SER A 46 3.73 -16.68 11.18
C SER A 46 4.57 -17.93 10.80
N ALA A 47 4.79 -18.05 9.48
CA ALA A 47 5.51 -19.18 8.95
C ALA A 47 6.97 -19.24 9.49
N ALA A 48 7.70 -18.10 9.61
CA ALA A 48 9.06 -18.09 10.13
C ALA A 48 9.04 -18.55 11.56
N ARG A 49 8.11 -18.14 12.32
CA ARG A 49 7.96 -18.60 13.71
C ARG A 49 7.53 -20.08 13.85
N MET A 50 6.64 -20.54 13.05
CA MET A 50 6.23 -21.89 12.85
C MET A 50 7.43 -22.80 12.68
N MET A 51 8.28 -22.27 11.83
CA MET A 51 9.52 -22.85 11.54
C MET A 51 10.70 -22.80 12.66
N MET A 52 10.46 -22.13 13.81
CA MET A 52 11.59 -22.11 14.77
C MET A 52 11.52 -23.44 15.57
N ASP A 53 12.71 -23.98 15.39
CA ASP A 53 13.28 -25.37 15.79
C ASP A 53 13.28 -26.06 17.20
N ALA A 54 12.15 -26.06 17.93
CA ALA A 54 12.12 -26.70 19.22
C ALA A 54 12.50 -28.17 19.40
N SER A 55 12.24 -29.02 18.37
CA SER A 55 12.59 -30.50 18.18
C SER A 55 11.23 -31.12 17.58
N ASN A 56 10.66 -32.19 18.14
CA ASN A 56 9.40 -32.76 17.53
C ASN A 56 8.10 -31.97 17.77
N GLN A 57 8.30 -30.79 18.33
CA GLN A 57 7.16 -29.86 18.66
C GLN A 57 6.54 -29.39 17.38
N GLN A 58 7.35 -29.43 16.26
CA GLN A 58 6.94 -29.23 14.90
C GLN A 58 6.59 -27.80 14.54
N SER A 59 6.32 -27.54 13.25
CA SER A 59 6.00 -26.22 12.77
C SER A 59 4.51 -25.82 13.05
N SER A 60 4.40 -25.28 14.35
CA SER A 60 3.12 -24.72 14.88
C SER A 60 3.45 -24.16 16.31
N ALA A 61 4.35 -23.14 16.42
CA ALA A 61 4.72 -22.55 17.70
C ALA A 61 3.91 -21.28 17.84
N LYS A 62 3.30 -21.03 19.08
CA LYS A 62 2.43 -19.86 19.44
C LYS A 62 2.31 -18.68 18.46
N THR A 63 1.69 -18.83 17.34
CA THR A 63 1.51 -17.79 16.32
C THR A 63 0.20 -17.00 16.25
N ASP A 64 0.07 -15.97 17.14
CA ASP A 64 -1.14 -15.06 17.01
C ASP A 64 -1.09 -14.17 15.90
N LEU A 65 0.03 -14.25 15.14
CA LEU A 65 0.17 -13.56 13.84
C LEU A 65 -0.74 -14.20 12.82
N LEU A 66 -1.23 -15.48 12.91
CA LEU A 66 -2.12 -15.93 11.79
C LEU A 66 -3.46 -15.22 12.01
N GLN A 67 -3.98 -15.06 13.26
CA GLN A 67 -5.23 -14.36 13.45
C GLN A 67 -5.05 -12.92 12.89
N ASN A 68 -3.92 -12.27 13.10
CA ASN A 68 -3.60 -11.02 12.51
C ASN A 68 -3.72 -11.05 11.00
N ALA A 69 -3.26 -12.10 10.25
CA ALA A 69 -3.45 -12.18 8.82
C ALA A 69 -4.88 -12.35 8.56
N LYS A 70 -5.63 -13.13 9.28
CA LYS A 70 -7.11 -13.21 9.06
C LYS A 70 -7.79 -11.82 9.23
N THR A 71 -7.47 -11.01 10.16
CA THR A 71 -7.95 -9.65 10.34
C THR A 71 -7.60 -8.67 9.17
N THR A 72 -6.32 -8.56 8.75
CA THR A 72 -5.97 -7.64 7.65
C THR A 72 -6.64 -8.06 6.27
N LEU A 73 -6.84 -9.44 6.10
CA LEU A 73 -7.55 -9.80 4.90
C LEU A 73 -8.98 -9.31 4.97
N ALA A 74 -9.63 -9.52 6.13
CA ALA A 74 -11.04 -9.08 6.33
C ALA A 74 -11.12 -7.58 6.16
N GLN A 75 -10.16 -6.83 6.67
CA GLN A 75 -10.26 -5.35 6.43
C GLN A 75 -10.05 -4.99 4.99
N ALA A 76 -9.18 -5.67 4.29
CA ALA A 76 -9.00 -5.39 2.83
C ALA A 76 -10.34 -5.74 2.09
N ALA A 77 -11.02 -6.82 2.61
CA ALA A 77 -12.25 -7.18 1.92
C ALA A 77 -13.28 -6.15 2.19
N ALA A 78 -13.29 -5.50 3.42
CA ALA A 78 -14.10 -4.41 3.73
C ALA A 78 -13.84 -3.23 2.75
N HIS A 79 -12.62 -2.79 2.48
CA HIS A 79 -12.36 -1.67 1.55
C HIS A 79 -12.71 -2.06 0.18
N TYR A 80 -12.49 -3.30 -0.27
CA TYR A 80 -12.90 -3.72 -1.48
C TYR A 80 -14.44 -3.64 -1.69
N ALA A 81 -15.21 -4.07 -0.69
CA ALA A 81 -16.69 -3.96 -0.75
C ALA A 81 -17.12 -2.57 -1.03
N ASN A 82 -16.47 -1.55 -0.49
CA ASN A 82 -16.91 -0.16 -0.76
C ASN A 82 -16.70 0.21 -2.20
N PHE A 83 -15.50 -0.14 -2.77
CA PHE A 83 -15.22 0.07 -4.13
C PHE A 83 -16.20 -0.61 -5.08
N LYS A 84 -16.44 -1.90 -4.83
CA LYS A 84 -17.32 -2.77 -5.57
C LYS A 84 -18.67 -2.18 -5.63
N ASN A 85 -19.13 -1.57 -4.52
CA ASN A 85 -20.43 -0.95 -4.43
C ASN A 85 -20.55 0.34 -5.19
N MET A 86 -19.43 1.06 -5.34
CA MET A 86 -19.31 2.23 -6.14
C MET A 86 -19.31 1.88 -7.65
N THR A 87 -20.41 2.05 -8.40
CA THR A 87 -20.44 1.88 -9.83
C THR A 87 -19.33 2.65 -10.64
N PRO A 88 -18.59 2.09 -11.57
CA PRO A 88 -17.61 2.75 -12.39
C PRO A 88 -18.18 3.90 -13.18
N LEU A 89 -17.43 4.99 -13.25
CA LEU A 89 -17.81 5.98 -14.23
C LEU A 89 -17.62 5.35 -15.58
N PRO A 90 -18.40 5.68 -16.65
CA PRO A 90 -18.30 5.01 -17.92
C PRO A 90 -16.96 4.79 -18.48
N ALA A 91 -16.18 5.82 -18.42
CA ALA A 91 -14.79 5.69 -18.88
C ALA A 91 -13.91 4.62 -18.13
N MET A 92 -14.32 4.41 -16.81
CA MET A 92 -13.64 3.49 -15.88
C MET A 92 -14.12 2.04 -15.94
N ALA A 93 -15.21 1.79 -16.62
CA ALA A 93 -15.90 0.48 -16.50
C ALA A 93 -15.00 -0.74 -16.73
N GLU A 94 -14.23 -0.60 -17.78
CA GLU A 94 -13.34 -1.71 -18.11
C GLU A 94 -12.07 -1.81 -17.22
N ALA A 95 -11.43 -0.66 -16.79
CA ALA A 95 -10.25 -0.67 -15.92
C ALA A 95 -10.59 -1.34 -14.65
N SER A 96 -11.85 -1.08 -14.17
CA SER A 96 -12.35 -1.69 -12.83
C SER A 96 -12.67 -3.19 -12.96
N ALA A 97 -13.25 -3.56 -14.10
CA ALA A 97 -13.55 -4.93 -14.26
C ALA A 97 -12.27 -5.79 -14.20
N ASN A 98 -11.20 -5.23 -14.70
CA ASN A 98 -9.89 -5.90 -14.74
C ASN A 98 -9.35 -6.03 -13.32
N VAL A 99 -9.38 -4.90 -12.49
CA VAL A 99 -9.00 -4.87 -11.11
C VAL A 99 -9.89 -5.78 -10.41
N ASP A 100 -11.21 -5.96 -10.63
CA ASP A 100 -11.98 -6.95 -9.83
C ASP A 100 -11.47 -8.41 -10.14
N GLU A 101 -11.16 -8.73 -11.33
CA GLU A 101 -10.72 -10.13 -11.66
C GLU A 101 -9.40 -10.50 -10.97
N LYS A 102 -8.42 -9.61 -11.10
CA LYS A 102 -7.07 -9.78 -10.49
C LYS A 102 -7.15 -9.72 -8.99
N TYR A 103 -8.17 -8.98 -8.46
CA TYR A 103 -8.38 -8.98 -7.04
C TYR A 103 -9.03 -10.27 -6.54
N GLN A 104 -10.06 -10.80 -7.11
CA GLN A 104 -10.72 -12.03 -6.66
C GLN A 104 -9.62 -13.17 -6.67
N ARG A 105 -8.80 -13.19 -7.72
CA ARG A 105 -7.76 -14.17 -7.73
C ARG A 105 -6.72 -14.01 -6.55
N TYR A 106 -6.23 -12.75 -6.33
CA TYR A 106 -5.22 -12.60 -5.22
C TYR A 106 -5.87 -12.75 -3.81
N GLN A 107 -7.11 -12.41 -3.62
CA GLN A 107 -7.71 -12.64 -2.27
C GLN A 107 -7.84 -14.17 -2.06
N ALA A 108 -8.43 -14.92 -2.97
CA ALA A 108 -8.38 -16.37 -2.93
C ALA A 108 -7.02 -16.96 -2.57
N ALA A 109 -5.99 -16.35 -3.19
CA ALA A 109 -4.66 -16.90 -2.95
C ALA A 109 -4.24 -16.66 -1.58
N LEU A 110 -4.44 -15.48 -1.01
CA LEU A 110 -4.09 -15.22 0.39
C LEU A 110 -4.98 -16.07 1.34
N ALA A 111 -6.21 -16.15 0.99
CA ALA A 111 -7.10 -17.01 1.94
C ALA A 111 -6.67 -18.46 1.97
N GLU A 112 -6.19 -18.95 0.82
CA GLU A 112 -5.63 -20.27 0.56
C GLU A 112 -4.38 -20.38 1.37
N LEU A 113 -3.43 -19.45 1.43
CA LEU A 113 -2.28 -19.54 2.26
C LEU A 113 -2.58 -19.50 3.72
N ILE A 114 -3.63 -18.85 4.23
CA ILE A 114 -3.98 -18.91 5.59
C ILE A 114 -4.43 -20.35 5.91
N GLN A 115 -5.21 -20.99 5.00
CA GLN A 115 -5.69 -22.34 5.44
C GLN A 115 -4.55 -23.33 5.47
N PHE A 116 -3.62 -23.11 4.56
CA PHE A 116 -2.36 -24.00 4.53
C PHE A 116 -1.68 -23.89 5.87
N LEU A 117 -1.33 -22.69 6.32
CA LEU A 117 -0.65 -22.58 7.66
C LEU A 117 -1.47 -22.97 8.77
N ASP A 118 -2.82 -22.68 8.67
CA ASP A 118 -3.71 -23.18 9.60
C ASP A 118 -3.67 -24.69 9.70
N ASN A 119 -3.31 -25.49 8.70
CA ASN A 119 -3.33 -26.96 8.90
C ASN A 119 -1.89 -27.52 8.88
N GLY A 120 -0.97 -26.60 9.16
CA GLY A 120 0.44 -26.98 9.22
C GLY A 120 1.09 -27.33 7.85
N ASN A 121 0.48 -27.04 6.73
CA ASN A 121 1.04 -27.44 5.45
C ASN A 121 1.93 -26.35 4.90
N MET A 122 3.16 -26.45 5.40
CA MET A 122 4.25 -25.57 5.02
C MET A 122 4.63 -25.68 3.60
N ASP A 123 4.75 -26.83 3.04
CA ASP A 123 5.24 -26.96 1.66
C ASP A 123 4.29 -26.34 0.74
N ALA A 124 2.96 -26.48 1.01
CA ALA A 124 2.02 -25.86 0.10
C ALA A 124 2.02 -24.33 0.15
N TYR A 125 2.19 -23.79 1.39
CA TYR A 125 2.34 -22.38 1.67
C TYR A 125 3.58 -21.84 0.82
N PHE A 126 4.77 -22.46 0.98
CA PHE A 126 6.01 -22.05 0.23
C PHE A 126 5.87 -22.22 -1.25
N ALA A 127 5.22 -23.30 -1.74
CA ALA A 127 5.05 -23.55 -3.25
C ALA A 127 4.05 -22.72 -3.91
N GLN A 128 3.03 -22.05 -3.33
CA GLN A 128 1.99 -21.23 -4.08
C GLN A 128 2.65 -20.06 -4.77
N PRO A 129 2.44 -19.89 -6.11
CA PRO A 129 2.99 -18.71 -6.85
C PRO A 129 2.19 -17.43 -6.63
N THR A 130 2.25 -17.00 -5.33
CA THR A 130 1.52 -15.88 -4.81
C THR A 130 2.01 -14.61 -5.50
N GLN A 131 3.31 -14.54 -5.79
CA GLN A 131 3.94 -13.32 -6.31
C GLN A 131 3.32 -12.93 -7.60
N GLY A 132 2.97 -13.92 -8.45
CA GLY A 132 2.31 -13.61 -9.77
C GLY A 132 1.02 -13.11 -9.58
N MET A 133 0.11 -13.54 -8.68
CA MET A 133 -1.19 -13.00 -8.55
C MET A 133 -1.14 -11.57 -8.01
N GLN A 134 -0.11 -11.35 -7.18
CA GLN A 134 0.11 -9.97 -6.69
C GLN A 134 0.60 -9.00 -7.74
N ASN A 135 1.61 -9.43 -8.53
CA ASN A 135 2.05 -8.60 -9.61
C ASN A 135 0.92 -8.26 -10.58
N ALA A 136 0.09 -9.25 -10.85
CA ALA A 136 -1.08 -9.04 -11.79
C ALA A 136 -2.00 -7.95 -11.22
N LEU A 137 -2.38 -8.02 -9.94
CA LEU A 137 -3.21 -7.02 -9.35
C LEU A 137 -2.44 -5.63 -9.31
N GLY A 138 -1.21 -5.55 -8.95
CA GLY A 138 -0.41 -4.37 -8.92
C GLY A 138 -0.52 -3.68 -10.39
N GLU A 139 -0.26 -4.39 -11.41
CA GLU A 139 -0.34 -3.98 -12.84
C GLU A 139 -1.75 -3.59 -13.19
N ALA A 140 -2.86 -4.31 -12.74
CA ALA A 140 -4.22 -3.77 -13.05
C ALA A 140 -4.42 -2.53 -12.23
N LEU A 141 -3.89 -2.31 -11.11
CA LEU A 141 -4.00 -1.08 -10.31
C LEU A 141 -3.32 0.10 -10.94
N GLY A 142 -2.09 -0.11 -11.54
CA GLY A 142 -1.40 1.07 -12.16
C GLY A 142 -2.12 1.49 -13.44
N ASN A 143 -2.76 0.53 -14.04
CA ASN A 143 -3.54 0.80 -15.35
C ASN A 143 -4.79 1.62 -14.97
N TYR A 144 -5.65 1.14 -13.96
CA TYR A 144 -6.79 1.88 -13.48
C TYR A 144 -6.32 3.26 -13.13
N ALA A 145 -5.21 3.51 -12.38
CA ALA A 145 -4.60 4.78 -12.11
C ALA A 145 -4.22 5.58 -13.35
N ARG A 146 -3.74 5.03 -14.44
CA ARG A 146 -3.46 5.79 -15.67
C ARG A 146 -4.71 6.37 -16.28
N VAL A 147 -5.72 5.48 -16.24
CA VAL A 147 -7.02 5.80 -16.80
C VAL A 147 -7.71 6.86 -15.84
N SER A 148 -7.76 6.89 -14.52
CA SER A 148 -8.20 8.01 -13.75
C SER A 148 -7.46 9.34 -14.02
N GLU A 149 -6.15 9.22 -14.16
CA GLU A 149 -5.29 10.29 -14.48
C GLU A 149 -5.63 11.07 -15.79
N ASN A 150 -5.95 10.27 -16.70
CA ASN A 150 -6.34 10.84 -18.00
C ASN A 150 -7.61 11.65 -17.99
N LEU A 151 -8.59 11.05 -17.22
CA LEU A 151 -9.95 11.64 -16.98
C LEU A 151 -9.81 12.91 -16.06
N TYR A 152 -8.91 12.83 -15.09
CA TYR A 152 -8.60 13.94 -14.12
C TYR A 152 -8.02 15.01 -14.99
N ARG A 153 -7.10 14.72 -15.86
CA ARG A 153 -6.49 15.81 -16.65
C ARG A 153 -7.53 16.45 -17.54
N GLN A 154 -8.48 15.70 -18.06
CA GLN A 154 -9.54 16.26 -18.96
C GLN A 154 -10.49 17.16 -18.31
N THR A 155 -10.35 17.51 -17.00
CA THR A 155 -11.31 18.32 -16.36
C THR A 155 -10.88 19.82 -16.51
N PHE A 156 -9.57 20.00 -16.30
CA PHE A 156 -9.00 21.37 -16.51
C PHE A 156 -8.68 21.41 -17.94
N ASP A 157 -9.68 21.93 -18.65
CA ASP A 157 -9.69 22.19 -20.08
C ASP A 157 -10.71 23.25 -20.35
N MET B 1 -27.20 24.93 -13.47
CA MET B 1 -28.33 24.57 -12.72
C MET B 1 -27.67 24.20 -11.35
N GLY B 2 -28.24 23.18 -10.83
CA GLY B 2 -27.68 22.33 -9.69
C GLY B 2 -27.66 22.87 -8.27
N GLY B 3 -26.76 23.71 -8.00
CA GLY B 3 -26.40 24.22 -6.74
C GLY B 3 -24.84 24.16 -6.76
N LEU B 4 -24.31 25.19 -6.26
CA LEU B 4 -22.80 25.28 -6.27
C LEU B 4 -22.25 24.96 -5.00
N LEU B 5 -21.02 24.46 -5.04
CA LEU B 5 -20.13 24.11 -3.93
C LEU B 5 -19.10 25.20 -3.76
N PHE B 6 -19.10 26.07 -4.72
CA PHE B 6 -18.13 27.20 -4.75
C PHE B 6 -18.90 28.49 -5.06
N SER B 7 -18.47 29.53 -4.30
CA SER B 7 -19.07 30.84 -4.42
C SER B 7 -18.60 31.57 -5.62
N SER B 8 -17.55 31.15 -6.34
CA SER B 8 -17.08 31.81 -7.50
C SER B 8 -16.08 30.88 -8.25
N LEU B 9 -15.80 31.29 -9.46
CA LEU B 9 -14.75 30.62 -10.26
C LEU B 9 -13.44 30.73 -9.40
N GLN B 10 -12.96 31.92 -8.89
CA GLN B 10 -11.76 31.98 -8.01
C GLN B 10 -11.86 31.12 -6.79
N HIS B 11 -12.95 31.03 -6.11
CA HIS B 11 -13.00 30.14 -4.99
C HIS B 11 -12.73 28.68 -5.46
N CYS B 12 -13.32 28.25 -6.56
CA CYS B 12 -13.26 26.87 -7.10
C CYS B 12 -11.76 26.59 -7.49
N GLN B 13 -11.13 27.52 -8.36
CA GLN B 13 -9.80 27.47 -8.76
C GLN B 13 -8.84 27.35 -7.59
N GLN B 14 -9.16 28.16 -6.51
CA GLN B 14 -8.28 28.13 -5.36
C GLN B 14 -8.23 26.67 -4.71
N GLY B 15 -9.48 26.04 -4.67
CA GLY B 15 -9.56 24.65 -4.18
C GLY B 15 -8.82 23.66 -5.05
N PHE B 16 -8.91 23.82 -6.34
CA PHE B 16 -8.14 22.97 -7.24
C PHE B 16 -6.63 23.12 -7.00
N VAL B 17 -6.06 24.36 -6.81
CA VAL B 17 -4.67 24.52 -6.63
C VAL B 17 -4.16 23.63 -5.33
N ILE B 18 -4.94 23.81 -4.24
CA ILE B 18 -4.71 23.10 -3.03
C ILE B 18 -4.86 21.57 -3.20
N SER B 19 -5.97 21.12 -3.80
CA SER B 19 -6.26 19.76 -3.95
C SER B 19 -5.27 19.01 -4.85
N ASN B 20 -4.88 19.63 -5.93
CA ASN B 20 -3.97 19.04 -6.92
C ASN B 20 -2.55 18.78 -6.29
N GLU B 21 -2.12 19.70 -5.42
CA GLU B 21 -0.85 19.54 -4.79
C GLU B 21 -0.98 18.43 -3.73
N LEU B 22 -1.98 18.44 -2.88
CA LEU B 22 -2.31 17.42 -1.90
C LEU B 22 -2.30 16.10 -2.64
N ARG B 23 -3.01 15.97 -3.75
CA ARG B 23 -3.00 14.76 -4.59
C ARG B 23 -1.60 14.20 -4.99
N GLN B 24 -0.70 15.11 -5.39
CA GLN B 24 0.60 14.74 -5.69
C GLN B 24 1.36 14.29 -4.52
N GLN B 25 1.24 15.01 -3.37
CA GLN B 25 1.96 14.65 -2.15
C GLN B 25 1.64 13.27 -1.77
N GLN B 26 0.39 12.99 -1.73
CA GLN B 26 -0.18 11.74 -1.32
C GLN B 26 0.21 10.65 -2.28
N SER B 27 0.20 10.79 -3.61
CA SER B 27 0.63 9.78 -4.48
C SER B 27 2.02 9.27 -4.10
N GLU B 28 2.97 10.20 -3.73
CA GLU B 28 4.39 9.69 -3.58
C GLU B 28 4.55 8.96 -2.21
N LEU B 29 3.82 9.46 -1.24
CA LEU B 29 3.71 8.83 0.08
C LEU B 29 3.11 7.39 -0.03
N THR B 30 1.88 7.25 -0.63
CA THR B 30 1.45 5.90 -0.89
C THR B 30 2.47 5.04 -1.63
N SER B 31 3.26 5.55 -2.61
CA SER B 31 4.20 4.77 -3.36
C SER B 31 5.38 4.40 -2.49
N THR B 32 5.81 5.26 -1.57
CA THR B 32 6.75 4.88 -0.56
C THR B 32 6.29 3.80 0.35
N TRP B 33 5.09 3.85 0.89
CA TRP B 33 4.65 2.83 1.82
C TRP B 33 4.54 1.45 1.09
N ASP B 34 4.06 1.55 -0.14
CA ASP B 34 3.87 0.31 -0.96
C ASP B 34 5.15 -0.44 -1.01
N LEU B 35 6.15 0.28 -1.51
CA LEU B 35 7.48 -0.32 -1.82
C LEU B 35 8.12 -0.77 -0.48
N MET B 36 7.97 0.00 0.55
CA MET B 36 8.48 -0.45 1.85
C MET B 36 7.80 -1.75 2.28
N LEU B 37 6.58 -1.96 2.03
CA LEU B 37 5.89 -3.13 2.36
C LEU B 37 6.31 -4.22 1.46
N GLN B 38 6.63 -3.92 0.12
CA GLN B 38 7.15 -5.07 -0.68
C GLN B 38 8.59 -5.45 -0.25
N THR B 39 9.41 -4.46 0.24
CA THR B 39 10.70 -4.78 0.80
C THR B 39 10.57 -5.71 2.00
N ARG B 40 9.54 -5.41 2.82
CA ARG B 40 9.31 -6.27 4.00
C ARG B 40 8.91 -7.68 3.55
N ILE B 41 8.12 -7.84 2.53
CA ILE B 41 7.66 -9.15 2.14
C ILE B 41 8.84 -9.87 1.50
N ASN B 42 9.60 -9.27 0.64
CA ASN B 42 10.87 -9.82 0.11
C ASN B 42 11.81 -10.32 1.23
N LEU B 43 12.08 -9.53 2.31
CA LEU B 43 12.96 -9.88 3.42
C LEU B 43 12.44 -11.04 4.23
N SER B 44 11.10 -10.94 4.59
CA SER B 44 10.55 -12.07 5.29
C SER B 44 10.45 -13.39 4.50
N ARG B 45 10.02 -13.38 3.22
CA ARG B 45 10.13 -14.54 2.37
C ARG B 45 11.57 -15.03 2.30
N SER B 46 12.57 -14.19 2.30
CA SER B 46 14.04 -14.67 2.31
C SER B 46 14.34 -15.22 3.62
N ALA B 47 14.00 -14.61 4.79
CA ALA B 47 14.41 -15.10 6.10
C ALA B 47 13.76 -16.51 6.40
N ALA B 48 12.48 -16.80 6.06
CA ALA B 48 11.88 -18.12 6.16
C ALA B 48 12.63 -19.10 5.29
N ARG B 49 13.09 -18.81 4.07
CA ARG B 49 13.88 -19.64 3.26
C ARG B 49 15.29 -19.91 3.81
N MET B 50 15.89 -18.97 4.56
CA MET B 50 17.21 -19.22 5.14
C MET B 50 17.19 -20.29 6.19
N MET B 51 16.06 -20.51 6.83
CA MET B 51 15.85 -21.55 7.86
C MET B 51 15.44 -22.96 7.41
N MET B 52 15.23 -23.09 6.04
CA MET B 52 14.91 -24.33 5.40
C MET B 52 16.16 -25.15 5.02
N ASP B 53 16.01 -26.19 4.20
CA ASP B 53 16.96 -27.14 3.61
C ASP B 53 17.41 -28.11 4.80
N ALA B 54 16.99 -27.83 6.01
CA ALA B 54 17.42 -28.57 7.22
C ALA B 54 16.21 -29.43 7.55
N SER B 55 16.16 -30.55 6.76
CA SER B 55 15.13 -31.58 6.84
C SER B 55 13.71 -31.02 6.32
N ASN B 56 13.87 -30.01 5.45
CA ASN B 56 12.76 -29.37 4.89
C ASN B 56 13.35 -28.82 3.59
N GLN B 57 12.46 -28.12 2.77
CA GLN B 57 12.60 -27.73 1.43
C GLN B 57 13.60 -26.77 0.73
N GLN B 58 13.31 -26.64 -0.53
CA GLN B 58 13.78 -25.73 -1.59
C GLN B 58 14.72 -24.56 -1.44
N SER B 59 14.71 -23.68 -0.40
CA SER B 59 15.65 -22.62 -0.15
C SER B 59 16.26 -21.65 -1.15
N SER B 60 16.76 -22.07 -2.27
CA SER B 60 17.41 -21.33 -3.29
C SER B 60 16.89 -19.97 -3.78
N ALA B 61 15.68 -19.56 -3.56
CA ALA B 61 15.24 -18.23 -4.09
C ALA B 61 15.56 -17.18 -3.08
N LYS B 62 16.08 -17.51 -1.87
CA LYS B 62 16.36 -16.53 -0.88
C LYS B 62 17.39 -15.50 -1.27
N THR B 63 18.26 -15.63 -2.13
CA THR B 63 19.02 -14.47 -2.48
C THR B 63 18.44 -13.70 -3.64
N ASP B 64 17.52 -14.29 -4.42
CA ASP B 64 16.89 -13.48 -5.48
C ASP B 64 16.00 -12.50 -4.74
N LEU B 65 15.28 -13.02 -3.78
CA LEU B 65 14.37 -12.30 -2.90
C LEU B 65 15.19 -11.19 -2.21
N LEU B 66 16.37 -11.44 -1.75
CA LEU B 66 17.19 -10.47 -0.95
C LEU B 66 17.71 -9.42 -1.97
N GLN B 67 17.99 -9.81 -3.19
CA GLN B 67 18.43 -8.80 -4.12
C GLN B 67 17.23 -7.89 -4.55
N ASN B 68 16.07 -8.49 -4.59
CA ASN B 68 14.84 -7.77 -4.93
C ASN B 68 14.46 -6.87 -3.81
N ALA B 69 14.82 -7.15 -2.55
CA ALA B 69 14.44 -6.18 -1.47
C ALA B 69 15.41 -5.00 -1.55
N LYS B 70 16.64 -5.15 -1.90
CA LYS B 70 17.46 -3.97 -2.10
C LYS B 70 16.88 -3.01 -3.12
N THR B 71 16.27 -3.52 -4.24
CA THR B 71 15.62 -2.70 -5.31
C THR B 71 14.29 -1.93 -4.84
N THR B 72 13.44 -2.63 -4.15
CA THR B 72 12.18 -2.01 -3.67
C THR B 72 12.57 -1.05 -2.64
N LEU B 73 13.59 -1.20 -1.86
CA LEU B 73 13.96 -0.24 -0.90
C LEU B 73 14.56 1.02 -1.55
N ALA B 74 15.39 0.94 -2.54
CA ALA B 74 15.92 2.04 -3.31
C ALA B 74 14.77 2.81 -4.05
N GLN B 75 13.72 2.02 -4.48
CA GLN B 75 12.56 2.65 -5.19
C GLN B 75 11.71 3.40 -4.15
N ALA B 76 11.56 2.82 -2.97
CA ALA B 76 10.91 3.48 -1.88
C ALA B 76 11.49 4.78 -1.43
N ALA B 77 12.83 4.85 -1.34
CA ALA B 77 13.55 6.05 -0.97
C ALA B 77 13.43 7.10 -2.15
N ALA B 78 13.41 6.68 -3.37
CA ALA B 78 13.28 7.68 -4.49
C ALA B 78 11.96 8.28 -4.47
N HIS B 79 10.86 7.53 -4.19
CA HIS B 79 9.59 8.10 -3.98
C HIS B 79 9.51 9.08 -2.89
N TYR B 80 10.04 8.75 -1.69
CA TYR B 80 10.07 9.67 -0.51
C TYR B 80 10.85 10.89 -0.90
N ALA B 81 11.99 10.82 -1.59
CA ALA B 81 12.64 12.05 -2.04
C ALA B 81 11.72 12.98 -2.83
N ASN B 82 10.86 12.41 -3.77
CA ASN B 82 9.85 13.30 -4.48
C ASN B 82 8.97 14.03 -3.53
N PHE B 83 8.51 13.24 -2.57
CA PHE B 83 7.63 13.86 -1.52
C PHE B 83 8.44 14.89 -0.78
N LYS B 84 9.63 14.65 -0.31
CA LYS B 84 10.44 15.63 0.48
C LYS B 84 10.67 16.91 -0.38
N ASN B 85 10.89 16.73 -1.65
CA ASN B 85 11.10 17.87 -2.48
C ASN B 85 9.88 18.77 -2.68
N MET B 86 8.77 18.43 -2.17
CA MET B 86 7.60 19.24 -2.42
C MET B 86 7.33 20.26 -1.35
N THR B 87 6.57 21.31 -1.76
CA THR B 87 6.27 22.44 -0.86
C THR B 87 5.40 21.83 0.26
N PRO B 88 5.74 21.85 1.55
CA PRO B 88 4.89 21.45 2.60
C PRO B 88 3.88 22.62 2.83
N LEU B 89 2.70 22.19 2.87
CA LEU B 89 1.58 23.07 3.02
C LEU B 89 1.47 23.36 4.53
N PRO B 90 1.22 24.59 4.91
CA PRO B 90 1.08 24.93 6.30
C PRO B 90 0.30 23.94 7.10
N ALA B 91 -1.00 23.65 6.69
CA ALA B 91 -1.88 22.66 7.44
C ALA B 91 -1.31 21.22 7.59
N MET B 92 -0.42 20.86 6.70
CA MET B 92 0.24 19.58 6.66
C MET B 92 1.66 19.56 7.38
N ALA B 93 2.28 20.69 7.74
CA ALA B 93 3.64 20.72 8.27
C ALA B 93 3.90 19.78 9.46
N GLU B 94 2.91 19.73 10.36
CA GLU B 94 3.11 18.88 11.59
C GLU B 94 3.01 17.44 11.21
N ALA B 95 1.95 17.02 10.46
CA ALA B 95 1.74 15.65 9.98
C ALA B 95 2.95 15.18 9.21
N SER B 96 3.45 16.04 8.27
CA SER B 96 4.59 15.79 7.44
C SER B 96 5.81 15.49 8.34
N ALA B 97 6.05 16.25 9.34
CA ALA B 97 7.12 16.13 10.26
C ALA B 97 7.11 14.77 10.96
N ASN B 98 5.92 14.33 11.30
CA ASN B 98 5.76 13.09 12.08
C ASN B 98 6.04 11.96 11.12
N VAL B 99 5.55 12.12 9.84
CA VAL B 99 5.85 11.11 8.85
C VAL B 99 7.43 10.99 8.58
N ASP B 100 8.17 12.07 8.52
CA ASP B 100 9.56 11.99 8.30
C ASP B 100 10.30 11.16 9.34
N GLU B 101 10.10 11.41 10.62
CA GLU B 101 10.69 10.75 11.69
C GLU B 101 10.48 9.25 11.62
N LYS B 102 9.24 8.79 11.50
CA LYS B 102 8.89 7.41 11.51
C LYS B 102 9.37 6.67 10.28
N TYR B 103 9.39 7.43 9.19
CA TYR B 103 9.94 6.98 7.89
C TYR B 103 11.40 6.68 8.03
N GLN B 104 12.18 7.64 8.46
CA GLN B 104 13.58 7.56 8.55
C GLN B 104 14.04 6.36 9.34
N ARG B 105 13.26 6.17 10.45
CA ARG B 105 13.48 5.09 11.29
C ARG B 105 13.12 3.71 10.68
N TYR B 106 12.03 3.52 9.95
CA TYR B 106 11.70 2.21 9.37
C TYR B 106 12.62 1.99 8.15
N GLN B 107 13.01 2.97 7.37
CA GLN B 107 13.84 2.77 6.18
C GLN B 107 15.23 2.19 6.61
N ALA B 108 15.67 2.80 7.75
CA ALA B 108 16.86 2.37 8.36
C ALA B 108 16.62 0.97 9.02
N ALA B 109 15.52 0.57 9.59
CA ALA B 109 15.34 -0.81 10.09
C ALA B 109 15.50 -1.81 8.98
N LEU B 110 14.79 -1.57 7.86
CA LEU B 110 14.78 -2.36 6.65
C LEU B 110 16.23 -2.53 6.09
N ALA B 111 16.95 -1.46 5.95
CA ALA B 111 18.29 -1.50 5.53
C ALA B 111 19.18 -2.32 6.45
N GLU B 112 19.02 -2.35 7.78
CA GLU B 112 19.78 -3.23 8.63
C GLU B 112 19.43 -4.61 8.34
N LEU B 113 18.18 -4.95 8.12
CA LEU B 113 17.86 -6.38 7.95
C LEU B 113 18.40 -6.91 6.71
N ILE B 114 18.45 -6.08 5.64
CA ILE B 114 19.21 -6.50 4.38
C ILE B 114 20.59 -6.89 4.66
N GLN B 115 21.27 -6.10 5.49
CA GLN B 115 22.62 -6.39 5.90
C GLN B 115 22.75 -7.69 6.66
N PHE B 116 21.95 -7.89 7.70
CA PHE B 116 21.90 -9.14 8.52
C PHE B 116 21.69 -10.33 7.58
N LEU B 117 20.78 -10.25 6.61
CA LEU B 117 20.49 -11.35 5.71
C LEU B 117 21.59 -11.62 4.74
N ASP B 118 22.30 -10.55 4.29
CA ASP B 118 23.48 -10.72 3.49
C ASP B 118 24.54 -11.52 4.30
N ASN B 119 24.65 -11.24 5.60
CA ASN B 119 25.60 -12.03 6.38
C ASN B 119 25.09 -13.38 6.74
N GLY B 120 23.82 -13.73 6.45
CA GLY B 120 23.29 -15.01 6.77
C GLY B 120 22.89 -15.10 8.29
N ASN B 121 22.81 -13.98 8.96
CA ASN B 121 22.60 -14.04 10.45
C ASN B 121 21.17 -13.86 10.78
N MET B 122 20.45 -14.99 10.97
CA MET B 122 19.06 -15.10 11.34
C MET B 122 18.66 -14.51 12.66
N ASP B 123 19.65 -14.67 13.65
CA ASP B 123 19.46 -14.24 15.09
C ASP B 123 19.38 -12.68 15.17
N ALA B 124 20.30 -11.99 14.45
CA ALA B 124 20.32 -10.52 14.25
C ALA B 124 19.01 -10.14 13.65
N TYR B 125 18.59 -10.82 12.57
CA TYR B 125 17.26 -10.57 11.99
C TYR B 125 16.10 -10.58 12.95
N PHE B 126 15.91 -11.59 13.75
CA PHE B 126 14.80 -11.63 14.61
C PHE B 126 14.95 -10.78 15.89
N ALA B 127 16.23 -10.39 16.12
CA ALA B 127 16.46 -9.56 17.38
C ALA B 127 16.05 -8.10 17.13
N GLN B 128 16.00 -7.73 15.83
CA GLN B 128 15.60 -6.39 15.37
C GLN B 128 14.12 -6.23 15.56
N PRO B 129 13.59 -5.19 16.16
CA PRO B 129 12.13 -4.90 16.31
C PRO B 129 11.46 -4.16 15.24
N THR B 130 11.49 -4.80 14.06
CA THR B 130 10.83 -4.24 12.83
C THR B 130 9.42 -3.85 12.78
N GLN B 131 8.56 -4.75 13.25
CA GLN B 131 7.10 -4.57 13.21
C GLN B 131 6.68 -3.31 13.95
N GLY B 132 7.35 -3.02 15.13
CA GLY B 132 7.12 -1.85 15.93
C GLY B 132 7.25 -0.62 15.08
N MET B 133 8.33 -0.53 14.40
CA MET B 133 8.63 0.60 13.54
C MET B 133 7.75 0.70 12.33
N GLN B 134 7.36 -0.46 11.76
CA GLN B 134 6.46 -0.49 10.58
C GLN B 134 5.08 0.08 11.05
N ASN B 135 4.54 -0.37 12.15
CA ASN B 135 3.25 0.06 12.70
C ASN B 135 3.32 1.49 13.01
N ALA B 136 4.42 1.99 13.55
CA ALA B 136 4.67 3.39 13.80
C ALA B 136 4.52 4.14 12.52
N LEU B 137 5.14 3.77 11.39
CA LEU B 137 4.95 4.55 10.21
C LEU B 137 3.52 4.38 9.64
N GLY B 138 2.89 3.22 9.81
CA GLY B 138 1.49 3.08 9.32
C GLY B 138 0.60 4.05 10.06
N GLU B 139 0.80 4.25 11.39
CA GLU B 139 0.11 5.20 12.15
C GLU B 139 0.23 6.67 11.69
N ALA B 140 1.56 7.11 11.47
CA ALA B 140 1.85 8.41 11.06
C ALA B 140 1.25 8.64 9.68
N LEU B 141 1.29 7.64 8.83
CA LEU B 141 0.70 7.80 7.51
C LEU B 141 -0.73 7.93 7.59
N GLY B 142 -1.37 7.25 8.55
CA GLY B 142 -2.88 7.34 8.72
C GLY B 142 -3.25 8.74 9.19
N ASN B 143 -2.43 9.31 10.06
CA ASN B 143 -2.71 10.63 10.56
C ASN B 143 -2.61 11.67 9.49
N TYR B 144 -1.55 11.50 8.64
CA TYR B 144 -1.30 12.37 7.53
C TYR B 144 -2.53 12.30 6.58
N ALA B 145 -3.10 11.12 6.41
CA ALA B 145 -4.24 10.97 5.48
C ALA B 145 -5.43 11.69 6.12
N ARG B 146 -5.56 11.50 7.36
CA ARG B 146 -6.60 12.15 8.18
C ARG B 146 -6.45 13.69 8.05
N VAL B 147 -5.29 14.28 8.38
CA VAL B 147 -5.17 15.75 8.23
C VAL B 147 -5.33 16.25 6.78
N SER B 148 -4.87 15.50 5.77
CA SER B 148 -5.00 15.77 4.30
C SER B 148 -6.49 15.87 3.93
N GLU B 149 -7.27 14.95 4.37
CA GLU B 149 -8.75 14.88 4.16
C GLU B 149 -9.41 16.08 4.79
N ASN B 150 -9.00 16.50 6.00
CA ASN B 150 -9.59 17.68 6.59
C ASN B 150 -9.47 18.92 5.74
N LEU B 151 -8.22 19.08 5.19
CA LEU B 151 -7.98 20.30 4.39
C LEU B 151 -8.71 20.29 3.11
N TYR B 152 -8.74 19.06 2.48
CA TYR B 152 -9.50 18.91 1.24
C TYR B 152 -11.01 19.24 1.50
N ARG B 153 -11.68 18.73 2.53
CA ARG B 153 -13.11 19.03 2.76
C ARG B 153 -13.30 20.53 2.84
N GLN B 154 -12.40 21.31 3.46
CA GLN B 154 -12.70 22.70 3.61
C GLN B 154 -12.53 23.47 2.34
N THR B 155 -12.05 22.79 1.35
CA THR B 155 -11.84 23.39 0.01
C THR B 155 -13.20 23.63 -0.65
N PHE B 156 -14.24 22.95 -0.28
CA PHE B 156 -15.55 23.20 -0.86
C PHE B 156 -16.58 23.19 0.22
N ASP B 157 -17.82 23.72 -0.04
CA ASP B 157 -19.00 22.99 -0.35
C ASP B 157 -19.67 23.37 -1.72
S SO4 C . 9.63 -10.34 12.14
O1 SO4 C . 9.19 -11.64 11.82
O2 SO4 C . 10.34 -10.33 13.34
O3 SO4 C . 10.39 -9.85 11.07
O4 SO4 C . 8.41 -9.57 12.34
S SO4 D . 1.64 -7.14 15.13
O1 SO4 D . 1.05 -7.40 13.87
O2 SO4 D . 2.60 -8.24 15.55
O3 SO4 D . 2.30 -5.92 14.98
O4 SO4 D . 0.66 -7.19 16.11
N ASP E . 4.03 -18.49 -1.29
CA ASP E . 4.04 -17.65 -0.12
C ASP E . 4.27 -16.20 -0.53
O ASP E . 3.86 -15.36 0.27
CB ASP E . 5.00 -17.88 0.85
CG ASP E . 6.47 -17.87 0.51
OD1 ASP E . 6.89 -18.21 -0.63
OD2 ASP E . 7.31 -17.61 1.33
OXT ASP E . 4.75 -15.95 -1.63
N1 PHN F . -10.27 18.76 -8.88
C2 PHN F . -10.01 18.35 -10.17
C3 PHN F . -10.49 19.13 -11.29
C4 PHN F . -11.11 20.30 -11.07
C4A PHN F . -11.36 20.71 -9.78
C5 PHN F . -11.87 21.94 -9.57
C6 PHN F . -11.91 22.39 -8.24
C6A PHN F . -11.54 21.69 -7.22
C7 PHN F . -11.70 22.08 -5.96
C8 PHN F . -11.48 21.25 -4.95
C9 PHN F . -10.97 19.97 -5.11
N10 PHN F . -10.72 19.55 -6.41
C10 PHN F . -10.94 20.44 -7.46
C1A PHN F . -10.91 19.93 -8.74
#